data_3QB7
#
_entry.id   3QB7
#
_cell.length_a   75.969
_cell.length_b   105.879
_cell.length_c   121.093
_cell.angle_alpha   90.00
_cell.angle_beta   90.00
_cell.angle_gamma   90.00
#
_symmetry.space_group_name_H-M   'P 21 21 21'
#
loop_
_entity.id
_entity.type
_entity.pdbx_description
1 polymer 'Interleukin 4'
2 polymer 'Cytokine receptor common subunit gamma'
3 branched 2-acetamido-2-deoxy-beta-D-glucopyranose-(1-4)-2-acetamido-2-deoxy-beta-D-glucopyranose
4 non-polymer 'SULFATE ION'
5 non-polymer 2-acetamido-2-deoxy-beta-D-glucopyranose
#
loop_
_entity_poly.entity_id
_entity_poly.type
_entity_poly.pdbx_seq_one_letter_code
_entity_poly.pdbx_strand_id
1 'polypeptide(L)'
;ADPHKCDITLQEIIKTLNSLTEQKTLCTELTVTDIFAASKNTTEKETFCRAATVLRQFYSHHEKDTRCLGATAQQFHRHK
QLIRFLKRLDRNLWGLAGLNSCPVKEANQSTLENFLERLRVIMQSKWFKCGA
;
A,B
2 'polypeptide(L)'
;ADPLPLPEVQCFVFNVEYMNCTWQSSSEPQPTNLTLHYWYKNSDNDKVQKCSHYLFSEEITSGCQLQKKEIHLYQTFVVQ
LQDPREPRRQATQMLKLQNLVIPWAPENLTLHKLSESQLELNWNNRFLNHCLEHLVQYRTDWDHSWTEQSVDYRHKFSLP
SVDGQKRYTFRVRSRFNPLCGSAQHWSEWSHPIHWGSNTSKEN
;
C,D
#
# COMPACT_ATOMS: atom_id res chain seq x y z
N CYS A 6 -4.74 25.01 -12.66
CA CYS A 6 -4.08 23.74 -12.36
C CYS A 6 -2.74 24.01 -11.69
N ASP A 7 -2.82 24.67 -10.54
CA ASP A 7 -1.65 25.15 -9.81
C ASP A 7 -0.89 24.04 -9.09
N ILE A 8 0.37 24.31 -8.80
CA ILE A 8 1.20 23.46 -7.96
C ILE A 8 0.52 23.27 -6.60
N THR A 9 -0.11 24.34 -6.12
CA THR A 9 -0.85 24.28 -4.86
C THR A 9 -1.84 23.12 -4.89
N LEU A 10 -2.57 23.01 -6.00
CA LEU A 10 -3.52 21.93 -6.19
C LEU A 10 -2.86 20.60 -5.89
N GLN A 11 -1.68 20.39 -6.46
CA GLN A 11 -0.90 19.19 -6.20
C GLN A 11 -0.65 19.02 -4.71
N GLU A 12 -0.09 20.05 -4.09
CA GLU A 12 0.24 20.01 -2.67
C GLU A 12 -0.99 19.71 -1.83
N ILE A 13 -2.12 20.33 -2.18
CA ILE A 13 -3.35 20.10 -1.45
C ILE A 13 -3.77 18.64 -1.52
N ILE A 14 -3.57 18.03 -2.68
CA ILE A 14 -3.88 16.62 -2.87
C ILE A 14 -2.90 15.74 -2.08
N LYS A 15 -1.62 16.07 -2.17
CA LYS A 15 -0.61 15.34 -1.41
C LYS A 15 -0.89 15.40 0.08
N THR A 16 -1.16 16.59 0.58
CA THR A 16 -1.44 16.78 2.01
C THR A 16 -2.65 15.94 2.40
N LEU A 17 -3.68 15.95 1.56
CA LEU A 17 -4.87 15.15 1.81
C LEU A 17 -4.55 13.67 1.75
N ASN A 18 -3.74 13.28 0.76
CA ASN A 18 -3.25 11.91 0.68
C ASN A 18 -2.57 11.53 1.98
N SER A 19 -1.67 12.40 2.43
CA SER A 19 -0.89 12.15 3.62
C SER A 19 -1.76 12.07 4.88
N LEU A 20 -2.88 12.79 4.86
CA LEU A 20 -3.78 12.84 6.00
C LEU A 20 -4.66 11.61 6.14
N THR A 21 -5.01 11.01 5.01
CA THR A 21 -5.96 9.91 4.99
C THR A 21 -5.35 8.57 5.41
N GLU A 22 -4.09 8.36 5.05
CA GLU A 22 -3.44 7.07 5.28
C GLU A 22 -3.41 6.65 6.76
N GLN A 23 -2.89 7.52 7.61
CA GLN A 23 -2.83 7.20 9.04
C GLN A 23 -3.89 7.98 9.83
N LYS A 24 -4.80 7.24 10.46
CA LYS A 24 -5.85 7.86 11.27
C LYS A 24 -5.34 8.27 12.65
N THR A 25 -5.99 9.28 13.23
CA THR A 25 -5.62 9.78 14.56
C THR A 25 -6.81 9.61 15.50
N LEU A 26 -6.64 10.05 16.74
CA LEU A 26 -7.73 10.00 17.72
C LEU A 26 -8.77 11.09 17.40
N CYS A 27 -8.29 12.19 16.82
CA CYS A 27 -9.13 13.35 16.54
C CYS A 27 -10.00 13.19 15.28
N THR A 28 -9.58 12.35 14.36
CA THR A 28 -10.23 12.24 13.06
C THR A 28 -11.74 11.96 13.14
N GLU A 29 -12.18 11.36 14.24
CA GLU A 29 -13.60 11.03 14.40
C GLU A 29 -14.42 12.21 14.90
N LEU A 30 -13.75 13.25 15.38
CA LEU A 30 -14.43 14.45 15.83
C LEU A 30 -15.12 15.15 14.67
N THR A 31 -16.33 15.62 14.92
CA THR A 31 -17.18 16.16 13.86
C THR A 31 -16.80 17.56 13.39
N VAL A 32 -17.17 17.86 12.15
CA VAL A 32 -17.02 19.19 11.57
C VAL A 32 -18.19 19.39 10.61
N THR A 33 -18.64 20.64 10.47
CA THR A 33 -19.76 20.93 9.59
C THR A 33 -19.51 20.41 8.18
N ASP A 34 -20.50 19.72 7.61
CA ASP A 34 -20.37 19.19 6.26
C ASP A 34 -20.94 20.19 5.26
N ILE A 35 -20.06 20.78 4.46
CA ILE A 35 -20.46 21.85 3.55
C ILE A 35 -20.80 21.38 2.14
N PHE A 36 -20.62 20.09 1.88
CA PHE A 36 -20.87 19.55 0.54
C PHE A 36 -22.35 19.28 0.28
N ALA A 37 -23.04 18.73 1.28
CA ALA A 37 -24.45 18.43 1.14
C ALA A 37 -25.28 19.70 1.29
N ALA A 38 -24.66 20.72 1.88
CA ALA A 38 -25.34 21.98 2.16
C ALA A 38 -25.19 22.98 1.02
N SER A 39 -24.57 22.56 -0.07
CA SER A 39 -24.29 23.47 -1.17
C SER A 39 -25.56 23.77 -1.97
N LYS A 40 -25.93 25.05 -2.01
CA LYS A 40 -27.02 25.52 -2.85
C LYS A 40 -26.44 26.49 -3.87
N ASN A 41 -26.36 26.06 -5.12
CA ASN A 41 -25.82 26.91 -6.18
C ASN A 41 -24.55 27.64 -5.74
N THR A 42 -23.70 26.94 -4.99
CA THR A 42 -22.50 27.55 -4.44
C THR A 42 -21.30 27.35 -5.37
N THR A 43 -20.54 28.41 -5.58
CA THR A 43 -19.40 28.37 -6.48
C THR A 43 -18.21 27.62 -5.89
N GLU A 44 -17.35 27.12 -6.78
CA GLU A 44 -16.15 26.39 -6.38
C GLU A 44 -15.36 27.14 -5.32
N LYS A 45 -15.12 28.43 -5.57
CA LYS A 45 -14.39 29.27 -4.63
C LYS A 45 -15.05 29.25 -3.26
N GLU A 46 -16.38 29.39 -3.24
CA GLU A 46 -17.13 29.36 -1.99
C GLU A 46 -16.87 28.07 -1.23
N THR A 47 -16.87 26.96 -1.96
CA THR A 47 -16.64 25.66 -1.35
C THR A 47 -15.24 25.57 -0.77
N PHE A 48 -14.23 25.85 -1.60
CA PHE A 48 -12.85 25.85 -1.14
C PHE A 48 -12.73 26.72 0.10
N CYS A 49 -13.34 27.90 0.02
CA CYS A 49 -13.31 28.84 1.13
C CYS A 49 -13.98 28.21 2.36
N ARG A 50 -15.19 27.72 2.17
CA ARG A 50 -15.96 27.15 3.27
C ARG A 50 -15.28 25.91 3.83
N ALA A 51 -14.60 25.16 2.96
CA ALA A 51 -13.83 24.01 3.38
C ALA A 51 -12.71 24.45 4.31
N ALA A 52 -11.94 25.44 3.86
CA ALA A 52 -10.87 25.99 4.66
C ALA A 52 -11.41 26.50 5.99
N THR A 53 -12.51 27.25 5.93
CA THR A 53 -13.11 27.85 7.10
C THR A 53 -13.35 26.83 8.21
N VAL A 54 -13.94 25.70 7.84
CA VAL A 54 -14.22 24.64 8.81
C VAL A 54 -12.92 24.12 9.44
N LEU A 55 -11.95 23.79 8.59
CA LEU A 55 -10.67 23.26 9.06
C LEU A 55 -10.02 24.22 10.06
N ARG A 56 -9.97 25.49 9.69
CA ARG A 56 -9.45 26.53 10.57
C ARG A 56 -10.11 26.45 11.93
N GLN A 57 -11.43 26.32 11.92
CA GLN A 57 -12.20 26.24 13.15
C GLN A 57 -11.85 24.97 13.93
N PHE A 58 -11.61 23.88 13.21
CA PHE A 58 -11.28 22.62 13.86
C PHE A 58 -9.94 22.67 14.58
N TYR A 59 -8.87 23.02 13.86
CA TYR A 59 -7.53 22.95 14.44
C TYR A 59 -7.30 24.03 15.48
N SER A 60 -8.06 25.11 15.40
CA SER A 60 -7.99 26.15 16.41
C SER A 60 -8.64 25.64 17.69
N HIS A 61 -9.72 24.89 17.54
CA HIS A 61 -10.44 24.32 18.69
C HIS A 61 -9.69 23.13 19.28
N HIS A 62 -9.26 22.21 18.43
CA HIS A 62 -8.70 20.94 18.90
C HIS A 62 -7.18 20.89 19.02
N GLU A 63 -6.49 21.97 18.67
CA GLU A 63 -5.04 21.98 18.73
C GLU A 63 -4.52 21.54 20.10
N LYS A 64 -5.12 22.07 21.16
CA LYS A 64 -4.68 21.79 22.51
C LYS A 64 -5.47 20.65 23.15
N ASP A 65 -6.43 20.10 22.42
CA ASP A 65 -7.28 19.04 22.95
C ASP A 65 -6.44 17.84 23.40
N THR A 66 -6.68 17.41 24.63
CA THR A 66 -5.91 16.31 25.21
C THR A 66 -6.36 14.95 24.68
N ARG A 67 -7.63 14.83 24.32
CA ARG A 67 -8.13 13.59 23.72
C ARG A 67 -7.27 13.27 22.50
N CYS A 68 -6.92 14.31 21.76
CA CYS A 68 -6.17 14.16 20.52
C CYS A 68 -4.69 13.90 20.78
N LEU A 69 -4.19 14.41 21.91
CA LEU A 69 -2.82 14.16 22.29
C LEU A 69 -2.77 12.94 23.20
N GLY A 70 -2.17 11.87 22.70
CA GLY A 70 -2.13 10.63 23.45
C GLY A 70 -0.99 10.62 24.45
N ALA A 71 -0.84 9.50 25.15
CA ALA A 71 0.24 9.33 26.11
C ALA A 71 1.55 9.06 25.37
N THR A 72 1.47 8.22 24.34
CA THR A 72 2.64 7.84 23.57
C THR A 72 3.29 9.06 22.91
N ALA A 73 4.61 9.00 22.75
CA ALA A 73 5.34 10.05 22.07
C ALA A 73 4.91 10.13 20.60
N GLN A 74 4.49 9.00 20.05
CA GLN A 74 4.07 8.95 18.65
C GLN A 74 2.66 9.51 18.43
N GLN A 75 1.77 9.33 19.40
CA GLN A 75 0.44 9.90 19.32
C GLN A 75 0.52 11.42 19.37
N PHE A 76 1.47 11.91 20.15
CA PHE A 76 1.78 13.33 20.16
C PHE A 76 2.26 13.79 18.79
N HIS A 77 3.18 13.03 18.21
CA HIS A 77 3.75 13.36 16.91
C HIS A 77 2.71 13.31 15.80
N ARG A 78 1.88 12.27 15.83
CA ARG A 78 0.81 12.13 14.84
C ARG A 78 -0.10 13.34 14.85
N HIS A 79 -0.52 13.76 16.03
CA HIS A 79 -1.41 14.90 16.17
C HIS A 79 -0.73 16.20 15.73
N LYS A 80 0.53 16.37 16.12
CA LYS A 80 1.28 17.56 15.74
C LYS A 80 1.32 17.78 14.23
N GLN A 81 1.52 16.70 13.47
CA GLN A 81 1.54 16.79 12.02
C GLN A 81 0.14 17.02 11.46
N LEU A 82 -0.87 16.56 12.20
CA LEU A 82 -2.25 16.77 11.81
C LEU A 82 -2.57 18.26 11.77
N ILE A 83 -2.35 18.93 12.89
CA ILE A 83 -2.59 20.37 12.98
C ILE A 83 -1.77 21.11 11.94
N ARG A 84 -0.49 20.72 11.82
CA ARG A 84 0.41 21.31 10.83
C ARG A 84 -0.22 21.24 9.45
N PHE A 85 -0.59 20.04 9.04
CA PHE A 85 -1.20 19.81 7.72
C PHE A 85 -2.52 20.58 7.57
N LEU A 86 -3.33 20.56 8.62
CA LEU A 86 -4.62 21.24 8.59
C LEU A 86 -4.44 22.73 8.36
N LYS A 87 -3.46 23.31 9.05
CA LYS A 87 -3.12 24.72 8.83
C LYS A 87 -2.67 24.93 7.39
N ARG A 88 -1.83 24.03 6.89
CA ARG A 88 -1.33 24.10 5.52
CA ARG A 88 -1.34 24.11 5.52
C ARG A 88 -2.50 24.17 4.54
N LEU A 89 -3.45 23.26 4.69
CA LEU A 89 -4.62 23.20 3.83
C LEU A 89 -5.46 24.46 3.94
N ASP A 90 -5.58 24.98 5.16
CA ASP A 90 -6.37 26.18 5.40
C ASP A 90 -5.84 27.34 4.57
N ARG A 91 -4.52 27.47 4.50
CA ARG A 91 -3.89 28.54 3.74
C ARG A 91 -4.02 28.31 2.25
N ASN A 92 -3.70 27.09 1.81
CA ASN A 92 -3.73 26.75 0.40
C ASN A 92 -5.14 26.85 -0.18
N LEU A 93 -6.13 26.39 0.59
CA LEU A 93 -7.52 26.46 0.18
C LEU A 93 -8.04 27.90 0.16
N TRP A 94 -7.62 28.68 1.15
CA TRP A 94 -8.03 30.08 1.24
C TRP A 94 -7.53 30.85 0.03
N GLY A 95 -6.28 30.58 -0.36
CA GLY A 95 -5.66 31.27 -1.47
C GLY A 95 -6.31 30.94 -2.80
N LEU A 96 -6.78 29.71 -2.93
CA LEU A 96 -7.44 29.27 -4.16
C LEU A 96 -8.79 29.94 -4.36
N ALA A 97 -9.54 30.09 -3.26
CA ALA A 97 -10.85 30.72 -3.31
C ALA A 97 -10.72 32.21 -3.57
N GLY A 98 -9.78 32.85 -2.88
CA GLY A 98 -9.56 34.28 -3.05
C GLY A 98 -10.71 35.10 -2.50
N LEU A 99 -11.37 34.57 -1.49
CA LEU A 99 -12.49 35.28 -0.85
C LEU A 99 -12.10 35.80 0.52
N ASN A 100 -12.59 36.99 0.86
CA ASN A 100 -12.22 37.65 2.11
C ASN A 100 -12.85 37.00 3.34
N SER A 101 -13.95 36.30 3.13
CA SER A 101 -14.50 35.39 4.14
C SER A 101 -15.76 34.68 3.64
N CYS A 102 -16.05 33.53 4.25
CA CYS A 102 -17.27 32.79 3.98
C CYS A 102 -17.78 32.04 5.21
N PRO A 103 -18.27 32.76 6.23
CA PRO A 103 -18.61 31.98 7.42
C PRO A 103 -19.65 30.91 7.11
N VAL A 104 -19.36 29.67 7.50
CA VAL A 104 -20.22 28.53 7.22
C VAL A 104 -21.38 28.41 8.20
N LYS A 105 -21.19 28.94 9.39
CA LYS A 105 -22.14 28.76 10.48
C LYS A 105 -22.32 27.28 10.80
N GLU A 106 -23.56 26.80 10.71
CA GLU A 106 -23.85 25.39 11.02
C GLU A 106 -24.66 24.73 9.91
N GLN A 109 -23.39 18.10 10.30
CA GLN A 109 -22.08 17.70 10.83
C GLN A 109 -21.54 16.46 10.14
N SER A 110 -20.23 16.24 10.26
CA SER A 110 -19.57 15.12 9.60
C SER A 110 -18.27 14.75 10.32
N THR A 111 -17.83 13.51 10.11
CA THR A 111 -16.57 13.06 10.69
C THR A 111 -15.43 13.76 9.97
N LEU A 112 -14.41 14.19 10.72
CA LEU A 112 -13.28 14.88 10.12
C LEU A 112 -12.64 14.07 9.00
N GLU A 113 -12.36 12.81 9.28
CA GLU A 113 -11.73 11.94 8.29
C GLU A 113 -12.64 11.74 7.07
N ASN A 114 -13.94 11.67 7.30
CA ASN A 114 -14.89 11.55 6.19
C ASN A 114 -14.93 12.82 5.36
N PHE A 115 -14.88 13.96 6.04
CA PHE A 115 -14.86 15.26 5.39
C PHE A 115 -13.63 15.36 4.48
N LEU A 116 -12.48 15.05 5.04
CA LEU A 116 -11.23 15.08 4.29
C LEU A 116 -11.28 14.14 3.10
N GLU A 117 -11.80 12.93 3.33
CA GLU A 117 -11.89 11.93 2.27
C GLU A 117 -12.73 12.45 1.11
N ARG A 118 -13.82 13.13 1.43
CA ARG A 118 -14.67 13.73 0.42
C ARG A 118 -13.95 14.85 -0.31
N LEU A 119 -13.27 15.70 0.45
CA LEU A 119 -12.52 16.82 -0.11
C LEU A 119 -11.42 16.33 -1.08
N ARG A 120 -10.64 15.36 -0.63
CA ARG A 120 -9.56 14.82 -1.44
C ARG A 120 -10.08 14.33 -2.78
N VAL A 121 -11.33 13.89 -2.80
CA VAL A 121 -11.95 13.41 -4.02
C VAL A 121 -12.17 14.54 -5.02
N ILE A 122 -12.64 15.68 -4.53
CA ILE A 122 -12.84 16.84 -5.40
C ILE A 122 -11.52 17.25 -6.03
N MET A 123 -10.50 17.44 -5.21
CA MET A 123 -9.19 17.88 -5.68
C MET A 123 -8.66 16.94 -6.77
N GLN A 124 -8.78 15.64 -6.54
CA GLN A 124 -8.32 14.66 -7.50
C GLN A 124 -9.06 14.78 -8.82
N SER A 125 -10.34 15.15 -8.75
CA SER A 125 -11.14 15.35 -9.94
C SER A 125 -10.81 16.68 -10.61
N LYS A 126 -10.42 17.65 -9.78
CA LYS A 126 -9.98 18.94 -10.30
C LYS A 126 -8.66 18.77 -11.02
N TRP A 127 -7.70 18.14 -10.35
CA TRP A 127 -6.39 17.89 -10.93
C TRP A 127 -6.46 16.97 -12.14
N PHE A 128 -7.41 16.04 -12.11
CA PHE A 128 -7.64 15.18 -13.26
C PHE A 128 -8.06 16.04 -14.45
N LYS A 129 -8.94 17.00 -14.20
CA LYS A 129 -9.47 17.87 -15.25
C LYS A 129 -8.34 18.60 -15.99
N CYS A 130 -7.38 19.11 -15.23
CA CYS A 130 -6.23 19.81 -15.81
C CYS A 130 -4.94 19.01 -15.62
N CYS B 6 23.74 -15.37 4.81
CA CYS B 6 22.77 -15.25 3.74
C CYS B 6 23.33 -14.40 2.60
N ASP B 7 22.76 -14.57 1.40
CA ASP B 7 23.22 -13.84 0.22
C ASP B 7 22.06 -13.33 -0.63
N ILE B 8 22.39 -12.74 -1.77
CA ILE B 8 21.41 -12.15 -2.67
C ILE B 8 20.32 -13.13 -3.09
N THR B 9 20.65 -14.43 -3.11
CA THR B 9 19.69 -15.45 -3.47
C THR B 9 18.44 -15.39 -2.59
N LEU B 10 18.65 -15.30 -1.28
CA LEU B 10 17.56 -15.19 -0.33
C LEU B 10 16.75 -13.91 -0.57
N GLN B 11 17.46 -12.81 -0.82
CA GLN B 11 16.83 -11.54 -1.12
C GLN B 11 15.83 -11.67 -2.26
N GLU B 12 16.15 -12.53 -3.21
CA GLU B 12 15.30 -12.73 -4.38
C GLU B 12 14.10 -13.59 -4.05
N ILE B 13 14.27 -14.54 -3.14
CA ILE B 13 13.18 -15.43 -2.76
C ILE B 13 12.05 -14.62 -2.15
N ILE B 14 12.37 -13.86 -1.10
CA ILE B 14 11.41 -12.98 -0.46
C ILE B 14 10.79 -12.04 -1.50
N LYS B 15 11.66 -11.44 -2.30
CA LYS B 15 11.23 -10.53 -3.36
C LYS B 15 10.18 -11.18 -4.26
N THR B 16 10.36 -12.47 -4.53
CA THR B 16 9.41 -13.22 -5.35
C THR B 16 8.14 -13.54 -4.57
N LEU B 17 8.31 -14.04 -3.34
CA LEU B 17 7.17 -14.40 -2.50
C LEU B 17 6.25 -13.21 -2.27
N ASN B 18 6.84 -12.06 -1.96
CA ASN B 18 6.08 -10.83 -1.79
C ASN B 18 5.19 -10.58 -3.01
N SER B 19 5.78 -10.72 -4.20
CA SER B 19 5.06 -10.50 -5.45
C SER B 19 3.96 -11.53 -5.66
N LEU B 20 4.11 -12.70 -5.05
CA LEU B 20 3.10 -13.75 -5.17
C LEU B 20 1.92 -13.49 -4.24
N THR B 21 2.22 -13.05 -3.03
CA THR B 21 1.19 -12.76 -2.04
C THR B 21 0.57 -11.39 -2.30
N GLU B 22 1.15 -10.64 -3.25
CA GLU B 22 0.66 -9.32 -3.63
C GLU B 22 -0.75 -9.35 -4.18
N GLN B 23 -1.10 -10.40 -4.93
CA GLN B 23 -2.38 -10.43 -5.63
C GLN B 23 -3.13 -11.76 -5.53
N LYS B 24 -4.43 -11.66 -5.31
CA LYS B 24 -5.32 -12.81 -5.37
C LYS B 24 -5.63 -13.13 -6.83
N THR B 25 -5.94 -14.38 -7.12
CA THR B 25 -6.45 -14.75 -8.43
C THR B 25 -7.46 -15.89 -8.27
N LEU B 26 -8.01 -16.35 -9.37
CA LEU B 26 -8.96 -17.46 -9.32
C LEU B 26 -8.28 -18.71 -8.77
N CYS B 27 -7.00 -18.86 -9.07
CA CYS B 27 -6.22 -20.02 -8.63
C CYS B 27 -5.71 -19.95 -7.19
N THR B 28 -5.39 -18.75 -6.70
CA THR B 28 -4.76 -18.62 -5.39
C THR B 28 -5.64 -19.16 -4.28
N GLU B 29 -6.92 -19.36 -4.58
CA GLU B 29 -7.86 -19.97 -3.65
C GLU B 29 -7.66 -21.48 -3.58
N LEU B 30 -7.29 -22.05 -4.72
CA LEU B 30 -7.16 -23.50 -4.87
C LEU B 30 -6.15 -24.11 -3.90
N THR B 31 -6.52 -25.26 -3.33
CA THR B 31 -5.77 -25.86 -2.22
C THR B 31 -4.51 -26.62 -2.61
N VAL B 32 -3.56 -26.65 -1.67
CA VAL B 32 -2.35 -27.46 -1.80
C VAL B 32 -2.10 -28.19 -0.49
N THR B 33 -1.33 -29.28 -0.55
CA THR B 33 -0.98 -30.02 0.65
C THR B 33 -0.21 -29.11 1.60
N ASP B 34 -0.51 -29.19 2.88
CA ASP B 34 0.15 -28.32 3.86
C ASP B 34 1.24 -29.13 4.54
N ILE B 35 2.49 -28.80 4.22
CA ILE B 35 3.63 -29.54 4.76
C ILE B 35 4.22 -28.87 5.99
N PHE B 36 3.62 -27.75 6.39
CA PHE B 36 3.96 -27.13 7.66
C PHE B 36 2.98 -27.63 8.70
N ALA B 37 2.03 -28.45 8.26
CA ALA B 37 1.05 -29.04 9.16
C ALA B 37 1.78 -29.73 10.29
N ALA B 38 2.68 -30.64 9.93
CA ALA B 38 3.63 -31.17 10.90
C ALA B 38 5.05 -31.09 10.38
N SER B 39 5.84 -30.23 11.02
CA SER B 39 7.29 -30.29 10.87
C SER B 39 7.85 -30.65 12.24
N LYS B 40 8.34 -31.88 12.37
CA LYS B 40 8.83 -32.36 13.64
C LYS B 40 10.33 -32.60 13.57
N ASN B 41 11.08 -31.72 14.23
CA ASN B 41 12.52 -31.79 14.24
C ASN B 41 13.07 -32.02 12.82
N THR B 42 12.38 -31.43 11.84
CA THR B 42 12.73 -31.61 10.43
C THR B 42 13.63 -30.50 9.92
N THR B 43 14.65 -30.87 9.16
CA THR B 43 15.64 -29.93 8.66
C THR B 43 15.07 -28.99 7.61
N GLU B 44 15.72 -27.84 7.46
CA GLU B 44 15.30 -26.84 6.49
C GLU B 44 15.27 -27.41 5.08
N LYS B 45 16.29 -28.20 4.73
CA LYS B 45 16.38 -28.81 3.42
C LYS B 45 15.17 -29.71 3.16
N GLU B 46 14.87 -30.59 4.12
CA GLU B 46 13.73 -31.48 4.02
C GLU B 46 12.45 -30.69 3.74
N THR B 47 12.23 -29.66 4.55
CA THR B 47 11.04 -28.83 4.43
C THR B 47 10.95 -28.11 3.09
N PHE B 48 12.05 -27.47 2.70
CA PHE B 48 12.12 -26.78 1.42
C PHE B 48 11.95 -27.76 0.26
N CYS B 49 12.30 -29.02 0.52
CA CYS B 49 12.09 -30.09 -0.46
C CYS B 49 10.61 -30.38 -0.59
N ARG B 50 9.95 -30.58 0.55
CA ARG B 50 8.50 -30.80 0.57
C ARG B 50 7.78 -29.56 0.06
N ALA B 51 8.30 -28.38 0.41
CA ALA B 51 7.72 -27.13 -0.04
C ALA B 51 7.76 -27.05 -1.56
N ALA B 52 8.98 -27.16 -2.11
CA ALA B 52 9.18 -27.10 -3.54
C ALA B 52 8.43 -28.22 -4.26
N THR B 53 8.31 -29.36 -3.59
CA THR B 53 7.60 -30.51 -4.15
C THR B 53 6.12 -30.20 -4.34
N VAL B 54 5.46 -29.76 -3.27
CA VAL B 54 4.05 -29.43 -3.32
C VAL B 54 3.77 -28.34 -4.35
N LEU B 55 4.65 -27.35 -4.42
CA LEU B 55 4.48 -26.22 -5.33
C LEU B 55 4.47 -26.65 -6.79
N ARG B 56 5.35 -27.57 -7.17
CA ARG B 56 5.39 -28.03 -8.54
C ARG B 56 4.12 -28.80 -8.87
N GLN B 57 3.60 -29.52 -7.88
CA GLN B 57 2.34 -30.22 -8.05
C GLN B 57 1.24 -29.24 -8.43
N PHE B 58 1.12 -28.17 -7.65
CA PHE B 58 0.10 -27.16 -7.91
C PHE B 58 0.22 -26.56 -9.31
N TYR B 59 1.38 -25.99 -9.62
CA TYR B 59 1.54 -25.29 -10.90
C TYR B 59 1.61 -26.24 -12.09
N SER B 60 1.73 -27.54 -11.82
CA SER B 60 1.62 -28.55 -12.87
C SER B 60 0.17 -28.77 -13.24
N HIS B 61 -0.69 -28.94 -12.24
CA HIS B 61 -2.08 -29.25 -12.47
C HIS B 61 -2.85 -28.04 -13.01
N HIS B 62 -2.58 -26.87 -12.43
CA HIS B 62 -3.34 -25.68 -12.76
C HIS B 62 -2.69 -24.82 -13.84
N GLU B 63 -1.57 -25.27 -14.38
CA GLU B 63 -0.90 -24.57 -15.46
C GLU B 63 -1.86 -24.42 -16.64
N LYS B 64 -2.47 -25.52 -17.04
CA LYS B 64 -3.41 -25.52 -18.16
C LYS B 64 -4.85 -25.35 -17.68
N ASP B 65 -5.05 -25.25 -16.37
CA ASP B 65 -6.38 -25.14 -15.80
C ASP B 65 -7.12 -23.94 -16.40
N THR B 66 -8.32 -24.19 -16.91
CA THR B 66 -9.08 -23.16 -17.62
C THR B 66 -9.77 -22.18 -16.68
N ARG B 67 -10.38 -22.70 -15.62
CA ARG B 67 -11.13 -21.86 -14.72
C ARG B 67 -10.26 -20.78 -14.09
N CYS B 68 -8.94 -20.97 -14.11
CA CYS B 68 -8.03 -19.96 -13.60
C CYS B 68 -7.56 -18.96 -14.66
N LEU B 69 -7.79 -19.28 -15.92
CA LEU B 69 -7.31 -18.45 -17.03
C LEU B 69 -8.20 -17.25 -17.41
N GLY B 70 -9.47 -17.31 -17.05
CA GLY B 70 -10.36 -16.18 -17.25
C GLY B 70 -10.70 -15.98 -18.72
N ALA B 71 -11.75 -15.21 -19.00
CA ALA B 71 -12.01 -14.79 -20.37
C ALA B 71 -11.40 -13.43 -20.72
N THR B 72 -10.94 -12.72 -19.70
CA THR B 72 -10.27 -11.42 -19.90
C THR B 72 -8.81 -11.55 -20.29
N ALA B 73 -8.28 -10.54 -20.97
CA ALA B 73 -6.87 -10.48 -21.27
C ALA B 73 -6.06 -10.34 -19.98
N GLN B 74 -6.64 -9.66 -18.99
CA GLN B 74 -5.97 -9.49 -17.72
C GLN B 74 -5.86 -10.81 -16.97
N GLN B 75 -6.98 -11.50 -16.81
CA GLN B 75 -7.03 -12.79 -16.12
C GLN B 75 -6.02 -13.77 -16.70
N PHE B 76 -5.83 -13.73 -18.02
CA PHE B 76 -4.81 -14.55 -18.66
C PHE B 76 -3.41 -14.06 -18.34
N HIS B 77 -3.16 -12.78 -18.59
CA HIS B 77 -1.85 -12.17 -18.30
C HIS B 77 -1.47 -12.40 -16.84
N ARG B 78 -2.49 -12.42 -15.98
CA ARG B 78 -2.27 -12.59 -14.55
C ARG B 78 -1.88 -14.02 -14.20
N HIS B 79 -2.64 -14.99 -14.71
CA HIS B 79 -2.42 -16.39 -14.39
C HIS B 79 -1.12 -16.91 -15.02
N LYS B 80 -0.88 -16.54 -16.27
CA LYS B 80 0.33 -16.94 -16.96
C LYS B 80 1.56 -16.44 -16.21
N GLN B 81 1.44 -15.24 -15.62
CA GLN B 81 2.53 -14.66 -14.85
C GLN B 81 2.60 -15.26 -13.45
N LEU B 82 1.50 -15.83 -12.99
CA LEU B 82 1.49 -16.55 -11.72
C LEU B 82 2.32 -17.81 -11.86
N ILE B 83 2.16 -18.48 -12.99
CA ILE B 83 2.93 -19.68 -13.28
C ILE B 83 4.41 -19.36 -13.38
N ARG B 84 4.74 -18.27 -14.05
CA ARG B 84 6.14 -17.86 -14.20
C ARG B 84 6.79 -17.66 -12.84
N PHE B 85 6.08 -17.01 -11.92
CA PHE B 85 6.59 -16.78 -10.58
C PHE B 85 6.61 -18.07 -9.77
N LEU B 86 5.61 -18.92 -9.99
CA LEU B 86 5.54 -20.20 -9.30
C LEU B 86 6.72 -21.10 -9.64
N LYS B 87 7.04 -21.19 -10.94
CA LYS B 87 8.20 -21.94 -11.39
C LYS B 87 9.48 -21.32 -10.82
N ARG B 88 9.60 -20.01 -10.95
CA ARG B 88 10.78 -19.29 -10.49
C ARG B 88 11.07 -19.55 -9.02
N LEU B 89 10.05 -19.43 -8.18
CA LEU B 89 10.19 -19.69 -6.77
C LEU B 89 10.60 -21.15 -6.54
N ASP B 90 9.90 -22.05 -7.22
CA ASP B 90 10.11 -23.47 -7.04
C ASP B 90 11.59 -23.82 -7.20
N ARG B 91 12.17 -23.41 -8.32
CA ARG B 91 13.58 -23.67 -8.58
C ARG B 91 14.45 -23.06 -7.47
N ASN B 92 14.10 -21.85 -7.06
CA ASN B 92 14.80 -21.20 -5.96
C ASN B 92 14.83 -22.08 -4.72
N LEU B 93 13.73 -22.77 -4.47
CA LEU B 93 13.59 -23.63 -3.30
C LEU B 93 14.44 -24.88 -3.42
N TRP B 94 14.49 -25.45 -4.62
CA TRP B 94 15.21 -26.70 -4.85
C TRP B 94 16.68 -26.61 -4.44
N GLY B 95 17.29 -25.46 -4.65
CA GLY B 95 18.66 -25.24 -4.23
C GLY B 95 18.82 -25.41 -2.74
N LEU B 96 17.77 -25.09 -1.99
CA LEU B 96 17.79 -25.20 -0.54
C LEU B 96 17.20 -26.52 -0.05
N ALA B 97 16.75 -27.35 -1.00
CA ALA B 97 16.04 -28.57 -0.67
C ALA B 97 16.97 -29.72 -0.27
N GLY B 98 18.24 -29.60 -0.63
CA GLY B 98 19.19 -30.68 -0.41
C GLY B 98 18.98 -31.77 -1.45
N LEU B 99 19.87 -32.76 -1.45
CA LEU B 99 19.83 -33.82 -2.46
C LEU B 99 18.95 -35.01 -2.06
N ASN B 100 18.52 -35.01 -0.80
CA ASN B 100 17.74 -36.14 -0.31
CA ASN B 100 17.70 -36.09 -0.25
C ASN B 100 16.33 -36.21 -0.90
N SER B 101 15.75 -37.40 -0.82
CA SER B 101 14.38 -37.63 -1.27
C SER B 101 13.45 -37.35 -0.10
N CYS B 102 12.41 -36.56 -0.36
CA CYS B 102 11.49 -36.17 0.71
C CYS B 102 10.07 -36.57 0.35
N PRO B 103 9.68 -37.79 0.71
CA PRO B 103 8.31 -38.27 0.46
C PRO B 103 7.33 -37.42 1.25
N VAL B 104 6.25 -36.99 0.60
CA VAL B 104 5.28 -36.16 1.28
C VAL B 104 4.06 -36.99 1.64
N LYS B 105 3.91 -37.26 2.92
CA LYS B 105 2.69 -37.90 3.41
C LYS B 105 2.00 -36.91 4.35
N GLU B 106 0.90 -36.33 3.87
CA GLU B 106 0.16 -35.35 4.66
C GLU B 106 -1.34 -35.42 4.38
N ALA B 107 -2.14 -35.39 5.44
CA ALA B 107 -3.59 -35.31 5.30
C ALA B 107 -4.06 -33.87 5.06
N ASN B 108 -3.48 -32.94 5.81
CA ASN B 108 -3.96 -31.56 5.88
C ASN B 108 -3.83 -30.77 4.59
N GLN B 109 -4.84 -29.96 4.28
CA GLN B 109 -4.77 -29.08 3.13
C GLN B 109 -4.49 -27.64 3.52
N SER B 110 -4.34 -26.78 2.52
CA SER B 110 -4.20 -25.36 2.70
C SER B 110 -4.56 -24.67 1.39
N THR B 111 -4.87 -23.39 1.44
CA THR B 111 -5.02 -22.63 0.21
C THR B 111 -3.63 -22.18 -0.25
N LEU B 112 -3.41 -22.17 -1.55
CA LEU B 112 -2.11 -21.76 -2.08
C LEU B 112 -1.71 -20.41 -1.49
N GLU B 113 -2.65 -19.48 -1.50
CA GLU B 113 -2.46 -18.14 -0.96
C GLU B 113 -1.93 -18.17 0.48
N ASN B 114 -2.65 -18.87 1.35
CA ASN B 114 -2.23 -19.03 2.74
C ASN B 114 -0.91 -19.78 2.86
N PHE B 115 -0.66 -20.66 1.90
CA PHE B 115 0.56 -21.48 1.89
C PHE B 115 1.80 -20.62 1.65
N LEU B 116 1.72 -19.76 0.63
CA LEU B 116 2.85 -18.90 0.28
C LEU B 116 3.09 -17.86 1.36
N GLU B 117 2.02 -17.38 1.98
CA GLU B 117 2.12 -16.41 3.05
C GLU B 117 2.87 -17.02 4.24
N ARG B 118 2.64 -18.31 4.46
CA ARG B 118 3.33 -19.05 5.51
C ARG B 118 4.80 -19.22 5.18
N LEU B 119 5.06 -19.72 3.98
CA LEU B 119 6.43 -19.93 3.51
C LEU B 119 7.21 -18.63 3.55
N ARG B 120 6.54 -17.54 3.18
CA ARG B 120 7.17 -16.22 3.11
C ARG B 120 7.75 -15.81 4.46
N VAL B 121 6.94 -15.93 5.50
CA VAL B 121 7.36 -15.55 6.85
C VAL B 121 8.66 -16.25 7.25
N ILE B 122 8.81 -17.48 6.78
CA ILE B 122 10.01 -18.27 7.08
C ILE B 122 11.23 -17.66 6.42
N MET B 123 11.05 -17.14 5.20
CA MET B 123 12.12 -16.48 4.48
C MET B 123 12.44 -15.11 5.09
N GLN B 124 11.41 -14.33 5.36
CA GLN B 124 11.57 -13.00 5.92
C GLN B 124 12.30 -13.05 7.26
N SER B 125 12.04 -14.09 8.03
CA SER B 125 12.68 -14.27 9.33
C SER B 125 14.12 -14.75 9.16
N LYS B 126 14.37 -15.47 8.07
CA LYS B 126 15.72 -15.98 7.77
C LYS B 126 16.64 -14.82 7.37
N TRP B 127 16.11 -13.90 6.57
CA TRP B 127 16.86 -12.73 6.13
C TRP B 127 17.06 -11.75 7.28
N PHE B 128 16.09 -11.72 8.19
CA PHE B 128 16.16 -10.85 9.36
C PHE B 128 17.34 -11.23 10.23
N LYS B 129 17.61 -12.53 10.32
CA LYS B 129 18.63 -13.03 11.22
C LYS B 129 20.06 -12.71 10.77
N CYS B 130 20.22 -12.43 9.48
CA CYS B 130 21.54 -12.13 8.92
C CYS B 130 21.60 -10.72 8.33
N LEU C 4 -27.42 -19.50 -2.31
CA LEU C 4 -27.41 -18.11 -1.89
C LEU C 4 -26.12 -17.36 -2.24
N PRO C 5 -24.95 -17.96 -1.93
CA PRO C 5 -23.68 -17.26 -2.17
C PRO C 5 -23.49 -16.85 -3.63
N LEU C 6 -23.06 -15.62 -3.86
CA LEU C 6 -22.90 -15.09 -5.21
C LEU C 6 -21.44 -14.76 -5.52
N PRO C 7 -21.07 -14.84 -6.81
CA PRO C 7 -19.71 -14.52 -7.27
C PRO C 7 -19.31 -13.10 -6.93
N GLU C 8 -18.01 -12.86 -6.81
CA GLU C 8 -17.50 -11.51 -6.62
C GLU C 8 -17.46 -10.80 -7.96
N VAL C 9 -17.84 -9.54 -7.97
CA VAL C 9 -17.82 -8.76 -9.20
C VAL C 9 -16.59 -7.85 -9.24
N GLN C 10 -15.69 -8.15 -10.16
CA GLN C 10 -14.43 -7.42 -10.28
C GLN C 10 -14.56 -6.35 -11.35
N CYS C 11 -14.31 -5.10 -10.96
CA CYS C 11 -14.39 -4.00 -11.91
C CYS C 11 -13.03 -3.34 -12.13
N PHE C 12 -12.73 -3.02 -13.38
CA PHE C 12 -11.50 -2.33 -13.74
C PHE C 12 -11.72 -1.34 -14.88
N VAL C 13 -11.07 -0.19 -14.77
CA VAL C 13 -11.17 0.85 -15.78
C VAL C 13 -9.84 0.96 -16.51
N PHE C 14 -9.82 0.58 -17.79
CA PHE C 14 -8.57 0.52 -18.52
C PHE C 14 -8.27 1.80 -19.28
N ASN C 15 -7.26 2.52 -18.81
CA ASN C 15 -6.81 3.76 -19.42
C ASN C 15 -7.95 4.75 -19.61
N VAL C 16 -8.94 4.67 -18.72
CA VAL C 16 -10.12 5.52 -18.77
C VAL C 16 -10.74 5.51 -20.17
N GLU C 17 -10.67 4.35 -20.82
CA GLU C 17 -11.25 4.17 -22.14
C GLU C 17 -12.57 3.41 -22.04
N TYR C 18 -12.51 2.15 -21.61
CA TYR C 18 -13.72 1.39 -21.30
C TYR C 18 -13.59 0.76 -19.90
N MET C 19 -14.63 0.04 -19.47
CA MET C 19 -14.59 -0.66 -18.19
C MET C 19 -15.08 -2.09 -18.28
N ASN C 20 -14.23 -3.02 -17.87
CA ASN C 20 -14.61 -4.43 -17.78
C ASN C 20 -15.04 -4.82 -16.38
N CYS C 21 -16.25 -5.36 -16.26
CA CYS C 21 -16.73 -5.91 -15.00
C CYS C 21 -16.93 -7.42 -15.16
N THR C 22 -16.39 -8.19 -14.23
CA THR C 22 -16.37 -9.64 -14.37
C THR C 22 -16.77 -10.36 -13.07
N TRP C 23 -17.23 -11.60 -13.21
CA TRP C 23 -17.56 -12.43 -12.05
C TRP C 23 -17.36 -13.91 -12.37
N GLN C 24 -17.20 -14.71 -11.32
CA GLN C 24 -16.91 -16.13 -11.48
C GLN C 24 -18.16 -17.00 -11.49
N SER C 25 -18.42 -17.63 -12.63
CA SER C 25 -19.59 -18.48 -12.78
C SER C 25 -19.31 -19.91 -12.32
N PRO C 29 -22.75 -25.09 -11.14
CA PRO C 29 -23.93 -25.86 -10.74
C PRO C 29 -25.07 -25.76 -11.76
N GLN C 30 -25.77 -24.63 -11.75
CA GLN C 30 -26.84 -24.39 -12.70
C GLN C 30 -26.53 -23.25 -13.65
N PRO C 31 -26.39 -23.55 -14.95
CA PRO C 31 -26.12 -22.51 -15.95
C PRO C 31 -27.25 -21.49 -16.00
N THR C 32 -26.89 -20.21 -15.94
CA THR C 32 -27.87 -19.14 -16.01
C THR C 32 -27.22 -17.85 -16.53
N ASN C 33 -28.02 -16.99 -17.14
CA ASN C 33 -27.54 -15.66 -17.52
C ASN C 33 -27.87 -14.67 -16.43
N LEU C 34 -26.83 -14.19 -15.74
CA LEU C 34 -26.99 -13.26 -14.62
C LEU C 34 -27.23 -11.83 -15.06
N THR C 35 -27.89 -11.07 -14.19
CA THR C 35 -28.17 -9.66 -14.47
C THR C 35 -27.19 -8.75 -13.74
N LEU C 36 -26.75 -7.70 -14.44
CA LEU C 36 -25.96 -6.64 -13.81
C LEU C 36 -26.59 -5.28 -14.05
N HIS C 37 -26.89 -4.58 -12.96
CA HIS C 37 -27.39 -3.23 -13.05
C HIS C 37 -26.46 -2.36 -12.23
N TYR C 38 -26.47 -1.06 -12.48
CA TYR C 38 -25.58 -0.15 -11.79
C TYR C 38 -26.15 1.27 -11.73
N TRP C 39 -25.42 2.16 -11.10
CA TRP C 39 -25.81 3.56 -10.97
C TRP C 39 -24.79 4.32 -10.14
N TYR C 40 -24.85 5.64 -10.17
CA TYR C 40 -23.98 6.46 -9.34
C TYR C 40 -24.79 7.06 -8.20
N LYS C 41 -24.27 6.94 -6.98
CA LYS C 41 -25.05 7.26 -5.80
C LYS C 41 -25.18 8.76 -5.58
N ASN C 42 -26.43 9.21 -5.53
CA ASN C 42 -26.76 10.61 -5.24
C ASN C 42 -25.90 11.61 -6.00
N SER C 43 -25.61 11.28 -7.26
CA SER C 43 -24.85 12.15 -8.14
C SER C 43 -25.40 11.97 -9.54
N ASP C 44 -25.43 13.06 -10.31
CA ASP C 44 -26.10 13.04 -11.60
C ASP C 44 -27.52 12.53 -11.35
N ASN C 45 -27.84 11.39 -11.96
CA ASN C 45 -29.10 10.71 -11.67
C ASN C 45 -28.89 9.51 -10.76
N ASP C 46 -29.78 9.35 -9.77
CA ASP C 46 -29.76 8.17 -8.93
C ASP C 46 -30.34 7.02 -9.73
N LYS C 47 -30.88 7.34 -10.90
CA LYS C 47 -31.55 6.36 -11.74
C LYS C 47 -30.68 5.16 -12.05
N VAL C 48 -31.24 3.97 -11.88
CA VAL C 48 -30.55 2.72 -12.14
C VAL C 48 -30.45 2.47 -13.65
N GLN C 49 -29.44 1.71 -14.06
CA GLN C 49 -29.27 1.38 -15.47
C GLN C 49 -28.89 -0.09 -15.66
N LYS C 50 -29.60 -0.77 -16.56
CA LYS C 50 -29.31 -2.16 -16.87
C LYS C 50 -28.14 -2.24 -17.85
N CYS C 51 -27.29 -3.23 -17.65
CA CYS C 51 -26.08 -3.37 -18.46
C CYS C 51 -26.40 -3.42 -19.95
N SER C 52 -25.77 -2.54 -20.72
CA SER C 52 -26.01 -2.47 -22.16
C SER C 52 -25.10 -3.39 -22.97
N HIS C 53 -24.04 -3.88 -22.35
CA HIS C 53 -23.09 -4.76 -23.04
C HIS C 53 -22.70 -5.94 -22.15
N TYR C 54 -23.00 -7.16 -22.61
CA TYR C 54 -22.73 -8.34 -21.80
C TYR C 54 -21.54 -9.18 -22.28
N LEU C 55 -20.84 -9.76 -21.32
CA LEU C 55 -19.70 -10.62 -21.60
C LEU C 55 -20.05 -12.06 -21.24
N PHE C 56 -19.69 -13.00 -22.10
CA PHE C 56 -20.07 -14.40 -21.90
C PHE C 56 -18.87 -15.34 -21.82
N SER C 57 -18.89 -16.22 -20.84
CA SER C 57 -17.96 -17.34 -20.77
C SER C 57 -18.77 -18.62 -20.79
N GLU C 58 -18.56 -19.46 -21.81
CA GLU C 58 -19.33 -20.67 -21.98
C GLU C 58 -20.80 -20.37 -22.27
N GLU C 59 -21.03 -19.29 -23.02
CA GLU C 59 -22.37 -18.90 -23.45
C GLU C 59 -23.35 -18.58 -22.32
N ILE C 60 -22.81 -18.18 -21.18
CA ILE C 60 -23.59 -17.58 -20.09
C ILE C 60 -22.82 -16.35 -19.62
N THR C 61 -23.49 -15.39 -19.00
CA THR C 61 -22.85 -14.11 -18.74
C THR C 61 -21.76 -14.22 -17.68
N SER C 62 -20.54 -13.85 -18.06
CA SER C 62 -19.42 -13.74 -17.13
C SER C 62 -19.11 -12.30 -16.68
N GLY C 63 -19.84 -11.32 -17.22
CA GLY C 63 -19.55 -9.94 -16.90
C GLY C 63 -20.20 -8.93 -17.84
N CYS C 64 -19.85 -7.65 -17.66
CA CYS C 64 -20.42 -6.57 -18.46
C CYS C 64 -19.41 -5.45 -18.71
N GLN C 65 -19.47 -4.85 -19.90
CA GLN C 65 -18.56 -3.77 -20.25
C GLN C 65 -19.28 -2.44 -20.43
N LEU C 66 -18.70 -1.38 -19.90
CA LEU C 66 -19.26 -0.04 -20.02
C LEU C 66 -18.40 0.87 -20.91
N GLN C 67 -19.06 1.63 -21.77
CA GLN C 67 -18.38 2.57 -22.65
C GLN C 67 -17.94 3.84 -21.93
N LYS C 68 -16.94 4.51 -22.50
CA LYS C 68 -16.34 5.70 -21.88
C LYS C 68 -17.37 6.74 -21.43
N LYS C 69 -18.40 6.95 -22.23
CA LYS C 69 -19.45 7.92 -21.93
C LYS C 69 -20.10 7.65 -20.58
N GLU C 70 -20.11 6.37 -20.18
CA GLU C 70 -20.79 5.95 -18.97
C GLU C 70 -19.86 5.88 -17.75
N ILE C 71 -18.60 6.24 -17.95
CA ILE C 71 -17.62 6.17 -16.87
C ILE C 71 -17.46 7.50 -16.14
N HIS C 72 -17.88 7.55 -14.88
CA HIS C 72 -17.64 8.74 -14.08
C HIS C 72 -16.82 8.40 -12.85
N LEU C 73 -15.57 8.85 -12.83
CA LEU C 73 -14.75 8.76 -11.64
C LEU C 73 -15.19 9.84 -10.66
N TYR C 74 -14.86 9.65 -9.39
CA TYR C 74 -15.13 10.67 -8.37
C TYR C 74 -16.61 10.75 -8.03
N GLN C 75 -17.42 10.01 -8.76
CA GLN C 75 -18.82 9.77 -8.41
C GLN C 75 -18.95 8.31 -8.00
N THR C 76 -19.54 8.08 -6.84
CA THR C 76 -19.62 6.73 -6.31
C THR C 76 -20.37 5.80 -7.25
N PHE C 77 -19.74 4.68 -7.59
CA PHE C 77 -20.29 3.75 -8.55
C PHE C 77 -20.84 2.53 -7.84
N VAL C 78 -22.09 2.19 -8.12
CA VAL C 78 -22.76 1.08 -7.43
C VAL C 78 -23.24 0.00 -8.41
N VAL C 79 -22.69 -1.20 -8.28
CA VAL C 79 -23.09 -2.32 -9.13
C VAL C 79 -23.97 -3.30 -8.38
N GLN C 80 -24.96 -3.86 -9.08
CA GLN C 80 -25.81 -4.89 -8.51
C GLN C 80 -25.77 -6.15 -9.36
N LEU C 81 -25.52 -7.28 -8.70
CA LEU C 81 -25.60 -8.58 -9.35
C LEU C 81 -26.81 -9.30 -8.77
N GLN C 82 -27.65 -9.84 -9.63
CA GLN C 82 -28.89 -10.46 -9.17
C GLN C 82 -29.23 -11.72 -9.94
N ASP C 83 -29.68 -12.73 -9.20
CA ASP C 83 -30.16 -13.97 -9.80
C ASP C 83 -31.52 -13.69 -10.42
N PRO C 84 -31.61 -13.78 -11.76
CA PRO C 84 -32.87 -13.51 -12.45
C PRO C 84 -33.95 -14.50 -12.04
N ARG C 85 -33.53 -15.73 -11.79
CA ARG C 85 -34.42 -16.78 -11.34
C ARG C 85 -34.96 -16.47 -9.95
N GLU C 86 -34.05 -16.11 -9.05
CA GLU C 86 -34.39 -15.88 -7.65
C GLU C 86 -33.99 -14.47 -7.23
N PRO C 87 -34.87 -13.49 -7.46
CA PRO C 87 -34.60 -12.08 -7.15
C PRO C 87 -34.13 -11.88 -5.72
N ARG C 88 -34.60 -12.72 -4.82
CA ARG C 88 -34.23 -12.60 -3.41
C ARG C 88 -32.72 -12.79 -3.24
N ARG C 89 -32.12 -13.55 -4.15
CA ARG C 89 -30.67 -13.76 -4.11
C ARG C 89 -30.01 -12.75 -5.03
N GLN C 90 -29.34 -11.78 -4.42
CA GLN C 90 -28.66 -10.73 -5.15
C GLN C 90 -27.59 -10.09 -4.29
N ALA C 91 -26.65 -9.39 -4.92
CA ALA C 91 -25.59 -8.69 -4.19
C ALA C 91 -25.38 -7.30 -4.78
N THR C 92 -24.95 -6.37 -3.95
CA THR C 92 -24.69 -5.00 -4.38
C THR C 92 -23.46 -4.44 -3.69
N GLN C 93 -22.61 -3.76 -4.47
CA GLN C 93 -21.43 -3.10 -3.91
C GLN C 93 -21.11 -1.79 -4.61
N MET C 94 -20.56 -0.85 -3.87
CA MET C 94 -20.14 0.44 -4.43
C MET C 94 -18.62 0.56 -4.43
N LEU C 95 -18.06 1.05 -5.53
CA LEU C 95 -16.62 1.07 -5.73
C LEU C 95 -16.07 2.48 -5.93
N LYS C 96 -14.81 2.69 -5.56
CA LYS C 96 -14.14 3.93 -5.88
C LYS C 96 -13.39 3.70 -7.18
N LEU C 97 -13.82 4.37 -8.25
CA LEU C 97 -13.31 4.08 -9.59
C LEU C 97 -11.93 4.67 -9.87
N GLN C 98 -11.63 5.81 -9.26
CA GLN C 98 -10.32 6.42 -9.42
C GLN C 98 -9.26 5.49 -8.84
N ASN C 99 -9.68 4.64 -7.91
CA ASN C 99 -8.82 3.61 -7.35
C ASN C 99 -8.71 2.37 -8.23
N LEU C 100 -9.68 2.20 -9.14
CA LEU C 100 -9.70 1.01 -10.00
C LEU C 100 -9.08 1.19 -11.40
N VAL C 101 -8.52 2.36 -11.68
CA VAL C 101 -7.98 2.63 -13.02
C VAL C 101 -6.69 1.88 -13.36
N ILE C 102 -6.68 1.26 -14.53
CA ILE C 102 -5.49 0.60 -15.07
C ILE C 102 -5.02 1.29 -16.34
N PRO C 103 -3.85 1.93 -16.29
CA PRO C 103 -3.32 2.62 -17.47
C PRO C 103 -2.77 1.62 -18.50
N TRP C 104 -2.68 2.05 -19.76
CA TRP C 104 -2.02 1.26 -20.78
C TRP C 104 -0.51 1.30 -20.56
N ALA C 105 0.15 0.18 -20.84
CA ALA C 105 1.60 0.09 -20.71
C ALA C 105 2.30 1.19 -21.51
N PRO C 106 3.40 1.74 -20.97
CA PRO C 106 4.15 2.78 -21.68
C PRO C 106 4.63 2.30 -23.04
N GLU C 107 4.79 3.23 -23.98
CA GLU C 107 5.32 2.90 -25.29
C GLU C 107 6.28 3.98 -25.75
N ASN C 108 6.79 3.84 -26.97
CA ASN C 108 7.73 4.82 -27.51
C ASN C 108 8.90 5.10 -26.56
N LEU C 109 9.58 4.04 -26.12
CA LEU C 109 10.74 4.19 -25.23
C LEU C 109 11.98 4.65 -26.00
N THR C 110 12.69 5.62 -25.44
CA THR C 110 13.82 6.23 -26.13
C THR C 110 14.99 6.55 -25.20
N LEU C 111 16.21 6.31 -25.67
CA LEU C 111 17.41 6.56 -24.88
C LEU C 111 18.32 7.58 -25.54
N HIS C 112 19.04 8.34 -24.72
CA HIS C 112 20.09 9.24 -25.22
C HIS C 112 21.09 9.56 -24.12
N LYS C 113 22.27 10.05 -24.53
CA LYS C 113 23.38 10.23 -23.60
C LYS C 113 23.38 11.60 -22.93
N LEU C 114 23.39 11.59 -21.60
CA LEU C 114 23.58 12.80 -20.81
C LEU C 114 25.07 13.00 -20.53
N SER C 115 25.85 11.99 -20.90
CA SER C 115 27.27 11.97 -20.64
C SER C 115 27.86 10.86 -21.50
N GLU C 116 29.17 10.67 -21.43
CA GLU C 116 29.79 9.55 -22.14
C GLU C 116 29.19 8.26 -21.59
N SER C 117 29.22 8.15 -20.27
CA SER C 117 28.77 6.95 -19.58
C SER C 117 27.34 6.99 -19.01
N GLN C 118 26.60 8.08 -19.22
CA GLN C 118 25.29 8.19 -18.57
C GLN C 118 24.09 8.31 -19.52
N LEU C 119 23.28 7.27 -19.56
CA LEU C 119 22.03 7.25 -20.32
C LEU C 119 20.82 7.89 -19.61
N GLU C 120 19.88 8.37 -20.41
CA GLU C 120 18.59 8.81 -19.89
C GLU C 120 17.46 8.22 -20.72
N LEU C 121 16.42 7.75 -20.03
CA LEU C 121 15.32 7.03 -20.66
C LEU C 121 14.00 7.83 -20.63
N ASN C 122 13.25 7.75 -21.72
CA ASN C 122 11.93 8.39 -21.79
C ASN C 122 10.91 7.51 -22.52
N TRP C 123 9.63 7.80 -22.30
CA TRP C 123 8.58 7.00 -22.89
C TRP C 123 7.30 7.81 -23.04
N ASN C 124 6.43 7.36 -23.94
CA ASN C 124 5.13 8.01 -24.11
C ASN C 124 4.01 7.21 -23.46
N ASN C 125 3.48 7.76 -22.37
CA ASN C 125 2.29 7.19 -21.76
C ASN C 125 1.04 7.57 -22.55
N ARG C 126 0.00 6.79 -22.36
CA ARG C 126 -1.31 7.17 -22.85
C ARG C 126 -1.72 8.39 -22.05
N PHE C 127 -2.71 9.12 -22.54
CA PHE C 127 -2.91 10.51 -22.18
C PHE C 127 -3.05 10.74 -20.67
N LEU C 128 -3.23 9.66 -19.91
CA LEU C 128 -3.33 9.78 -18.47
C LEU C 128 -2.22 10.65 -17.90
N ASN C 129 -0.98 10.44 -18.33
CA ASN C 129 0.07 11.43 -18.06
C ASN C 129 0.22 11.80 -16.59
N HIS C 130 -0.13 13.05 -16.29
CA HIS C 130 0.07 13.64 -14.96
C HIS C 130 -0.62 12.85 -13.85
N CYS C 131 -1.49 11.92 -14.22
CA CYS C 131 -2.17 11.09 -13.23
C CYS C 131 -1.34 9.87 -12.83
N LEU C 132 -0.19 9.71 -13.48
CA LEU C 132 0.58 8.48 -13.38
C LEU C 132 1.89 8.59 -12.60
N GLU C 133 2.26 7.50 -11.92
CA GLU C 133 3.60 7.31 -11.40
C GLU C 133 4.16 6.10 -12.12
N HIS C 134 5.48 5.99 -12.20
CA HIS C 134 6.09 4.95 -13.02
C HIS C 134 7.09 4.11 -12.25
N LEU C 135 7.42 2.95 -12.80
CA LEU C 135 8.44 2.08 -12.23
C LEU C 135 9.36 1.58 -13.33
N VAL C 136 10.64 1.90 -13.23
CA VAL C 136 11.61 1.51 -14.25
C VAL C 136 12.50 0.37 -13.78
N GLN C 137 12.53 -0.71 -14.55
CA GLN C 137 13.45 -1.81 -14.29
C GLN C 137 14.52 -1.90 -15.36
N TYR C 138 15.75 -2.20 -14.95
CA TYR C 138 16.86 -2.32 -15.90
C TYR C 138 17.83 -3.40 -15.45
N ARG C 139 18.55 -3.97 -16.42
CA ARG C 139 19.53 -5.00 -16.13
C ARG C 139 20.55 -5.08 -17.26
N THR C 140 21.70 -5.68 -16.97
CA THR C 140 22.66 -6.04 -18.01
C THR C 140 22.58 -7.55 -18.26
N ASP C 141 23.39 -8.03 -19.18
CA ASP C 141 23.47 -9.47 -19.41
C ASP C 141 24.28 -10.12 -18.28
N TRP C 142 24.93 -9.29 -17.48
CA TRP C 142 25.63 -9.73 -16.29
C TRP C 142 24.67 -9.98 -15.12
N ASP C 143 23.65 -9.13 -15.03
CA ASP C 143 22.69 -9.21 -13.93
C ASP C 143 21.76 -10.40 -14.08
N HIS C 144 21.56 -11.13 -12.98
CA HIS C 144 20.65 -12.27 -12.97
C HIS C 144 19.28 -11.87 -12.47
N SER C 145 19.10 -10.58 -12.19
CA SER C 145 17.84 -10.06 -11.68
C SER C 145 17.63 -8.61 -12.09
N TRP C 146 16.39 -8.15 -12.00
CA TRP C 146 16.05 -6.77 -12.35
C TRP C 146 16.39 -5.78 -11.23
N THR C 147 16.79 -4.58 -11.62
CA THR C 147 16.94 -3.47 -10.68
C THR C 147 15.88 -2.43 -11.01
N GLU C 148 15.28 -1.82 -10.00
CA GLU C 148 14.20 -0.87 -10.27
C GLU C 148 14.31 0.45 -9.50
N GLN C 149 13.70 1.48 -10.08
CA GLN C 149 13.64 2.80 -9.46
C GLN C 149 12.25 3.39 -9.69
N SER C 150 11.64 3.89 -8.61
CA SER C 150 10.36 4.56 -8.75
C SER C 150 10.56 5.95 -9.34
N VAL C 151 9.80 6.26 -10.38
CA VAL C 151 9.91 7.54 -11.07
C VAL C 151 8.64 8.37 -10.93
N ASP C 152 8.82 9.67 -10.75
CA ASP C 152 7.72 10.59 -10.52
C ASP C 152 6.91 10.75 -11.81
N TYR C 153 5.89 11.58 -11.78
CA TYR C 153 5.06 11.79 -12.96
C TYR C 153 5.80 12.59 -14.04
N ARG C 154 6.98 13.08 -13.68
CA ARG C 154 7.94 13.53 -14.68
C ARG C 154 8.74 12.30 -15.11
N HIS C 155 8.67 11.99 -16.41
CA HIS C 155 9.07 10.69 -16.94
C HIS C 155 10.58 10.39 -16.99
N LYS C 156 11.41 11.38 -16.68
CA LYS C 156 12.86 11.20 -16.82
C LYS C 156 13.52 10.25 -15.79
N PHE C 157 14.24 9.26 -16.30
CA PHE C 157 15.02 8.34 -15.47
C PHE C 157 16.43 8.22 -16.03
N SER C 158 17.43 8.23 -15.16
CA SER C 158 18.83 8.24 -15.60
C SER C 158 19.70 7.20 -14.90
N LEU C 159 20.63 6.63 -15.65
CA LEU C 159 21.57 5.65 -15.10
C LEU C 159 22.99 6.21 -15.15
N PRO C 160 23.55 6.51 -13.97
CA PRO C 160 24.75 7.35 -13.84
C PRO C 160 25.99 6.81 -14.56
N SER C 161 26.31 5.53 -14.42
CA SER C 161 27.43 5.00 -15.19
C SER C 161 27.09 3.72 -15.93
N VAL C 162 27.02 3.84 -17.25
CA VAL C 162 26.84 2.70 -18.14
C VAL C 162 28.16 2.00 -18.47
N ASP C 163 28.10 0.72 -18.79
CA ASP C 163 29.23 0.01 -19.38
C ASP C 163 28.85 -0.48 -20.78
N GLY C 164 29.60 0.00 -21.78
CA GLY C 164 29.29 -0.29 -23.17
C GLY C 164 29.16 -1.76 -23.51
N GLN C 165 30.01 -2.59 -22.90
CA GLN C 165 30.08 -4.00 -23.24
C GLN C 165 28.91 -4.79 -22.69
N LYS C 166 28.58 -4.54 -21.43
CA LYS C 166 27.40 -5.16 -20.85
C LYS C 166 26.21 -4.73 -21.68
N ARG C 167 25.24 -5.62 -21.86
CA ARG C 167 24.05 -5.27 -22.62
C ARG C 167 22.90 -4.90 -21.69
N TYR C 168 22.52 -3.63 -21.75
CA TYR C 168 21.49 -3.10 -20.88
C TYR C 168 20.09 -3.30 -21.45
N THR C 169 19.13 -3.58 -20.57
CA THR C 169 17.75 -3.76 -20.98
C THR C 169 16.82 -3.01 -20.04
N PHE C 170 16.00 -2.13 -20.60
CA PHE C 170 15.11 -1.29 -19.80
C PHE C 170 13.63 -1.58 -20.09
N ARG C 171 12.81 -1.52 -19.06
CA ARG C 171 11.37 -1.63 -19.20
C ARG C 171 10.68 -0.81 -18.12
N VAL C 172 9.45 -0.40 -18.39
CA VAL C 172 8.72 0.44 -17.43
C VAL C 172 7.21 0.19 -17.45
N ARG C 173 6.59 0.27 -16.28
CA ARG C 173 5.15 0.18 -16.16
CA ARG C 173 5.14 0.19 -16.18
C ARG C 173 4.62 1.41 -15.44
N SER C 174 3.33 1.68 -15.58
CA SER C 174 2.73 2.86 -14.96
C SER C 174 1.55 2.51 -14.05
N ARG C 175 1.19 3.45 -13.18
CA ARG C 175 0.09 3.27 -12.24
C ARG C 175 -0.65 4.58 -12.09
N PHE C 176 -1.89 4.51 -11.62
CA PHE C 176 -2.70 5.70 -11.36
C PHE C 176 -2.57 6.19 -9.93
N ASN C 177 -1.35 6.56 -9.51
CA ASN C 177 -1.15 7.05 -8.15
C ASN C 177 -0.23 8.27 -8.11
N PRO C 178 -0.54 9.24 -7.25
CA PRO C 178 -1.75 9.22 -6.41
C PRO C 178 -2.57 10.47 -6.67
N LEU C 179 -2.25 11.15 -7.76
CA LEU C 179 -2.78 12.49 -8.03
C LEU C 179 -4.25 12.49 -8.40
N CYS C 180 -4.62 11.63 -9.34
CA CYS C 180 -6.00 11.49 -9.77
C CYS C 180 -6.72 10.36 -9.04
N GLY C 181 -5.96 9.56 -8.30
CA GLY C 181 -6.50 8.38 -7.66
C GLY C 181 -5.48 7.57 -6.89
N SER C 182 -6.00 6.70 -6.02
CA SER C 182 -5.19 5.88 -5.12
C SER C 182 -4.88 4.49 -5.68
N ALA C 183 -5.25 4.26 -6.95
CA ALA C 183 -5.22 2.92 -7.52
C ALA C 183 -3.90 2.18 -7.30
N GLN C 184 -4.00 0.95 -6.80
CA GLN C 184 -2.83 0.13 -6.46
C GLN C 184 -2.35 -0.78 -7.58
N HIS C 185 -3.11 -0.86 -8.67
CA HIS C 185 -2.79 -1.78 -9.76
C HIS C 185 -1.91 -1.16 -10.84
N TRP C 186 -0.76 -1.81 -11.08
CA TRP C 186 0.18 -1.37 -12.10
C TRP C 186 -0.22 -1.79 -13.52
N SER C 187 0.22 -1.01 -14.50
CA SER C 187 0.05 -1.35 -15.91
C SER C 187 1.01 -2.45 -16.35
N GLU C 188 0.69 -3.10 -17.46
CA GLU C 188 1.59 -4.07 -18.06
C GLU C 188 2.95 -3.43 -18.35
N TRP C 189 4.01 -4.23 -18.27
CA TRP C 189 5.33 -3.77 -18.65
C TRP C 189 5.36 -3.35 -20.12
N SER C 190 6.20 -2.37 -20.44
CA SER C 190 6.37 -1.91 -21.80
C SER C 190 7.21 -2.90 -22.61
N HIS C 191 7.42 -2.59 -23.89
CA HIS C 191 8.34 -3.37 -24.69
C HIS C 191 9.75 -3.01 -24.25
N PRO C 192 10.63 -4.02 -24.16
CA PRO C 192 12.00 -3.79 -23.70
C PRO C 192 12.80 -2.96 -24.69
N ILE C 193 13.75 -2.18 -24.17
CA ILE C 193 14.68 -1.46 -25.03
C ILE C 193 16.10 -1.80 -24.58
N HIS C 194 17.01 -1.96 -25.55
CA HIS C 194 18.36 -2.40 -25.24
C HIS C 194 19.41 -1.34 -25.58
N TRP C 195 20.50 -1.35 -24.82
CA TRP C 195 21.68 -0.55 -25.16
C TRP C 195 22.95 -1.32 -24.88
N GLY C 196 23.86 -1.32 -25.86
CA GLY C 196 25.12 -2.03 -25.73
C GLY C 196 25.62 -2.47 -27.08
N SER C 197 26.49 -3.47 -27.11
CA SER C 197 26.96 -4.04 -28.36
C SER C 197 27.36 -5.49 -28.15
N LEU D 4 -19.70 -4.12 26.89
CA LEU D 4 -19.68 -4.09 25.44
C LEU D 4 -19.87 -2.67 24.91
N PRO D 5 -19.14 -2.30 23.87
CA PRO D 5 -18.01 -3.08 23.32
C PRO D 5 -16.68 -2.63 23.93
N LEU D 6 -15.60 -3.30 23.56
CA LEU D 6 -14.25 -2.88 23.97
C LEU D 6 -13.57 -1.99 22.93
N PRO D 7 -12.58 -1.19 23.37
CA PRO D 7 -11.73 -0.38 22.49
C PRO D 7 -10.68 -1.24 21.77
N GLU D 8 -10.16 -0.74 20.65
CA GLU D 8 -9.16 -1.48 19.89
C GLU D 8 -7.74 -1.17 20.35
N VAL D 9 -6.89 -2.19 20.33
CA VAL D 9 -5.50 -2.05 20.76
C VAL D 9 -4.57 -1.71 19.60
N GLN D 10 -3.76 -0.67 19.79
CA GLN D 10 -2.77 -0.27 18.80
C GLN D 10 -1.38 -0.73 19.23
N CYS D 11 -0.85 -1.72 18.52
CA CYS D 11 0.47 -2.25 18.85
C CYS D 11 1.51 -1.86 17.81
N PHE D 12 2.59 -1.25 18.26
CA PHE D 12 3.69 -0.90 17.39
C PHE D 12 5.03 -1.33 17.97
N VAL D 13 5.89 -1.85 17.10
CA VAL D 13 7.22 -2.27 17.51
C VAL D 13 8.24 -1.23 17.08
N PHE D 14 8.82 -0.52 18.05
CA PHE D 14 9.71 0.58 17.74
C PHE D 14 11.15 0.12 17.61
N ASN D 15 11.61 0.06 16.36
CA ASN D 15 12.96 -0.38 16.06
C ASN D 15 13.36 -1.64 16.85
N VAL D 16 12.39 -2.56 16.95
CA VAL D 16 12.55 -3.81 17.69
C VAL D 16 13.24 -3.72 19.06
N GLU D 17 12.96 -2.65 19.77
CA GLU D 17 13.47 -2.45 21.13
C GLU D 17 12.36 -2.74 22.16
N TYR D 18 11.31 -1.94 22.13
CA TYR D 18 10.12 -2.19 22.94
C TYR D 18 8.88 -2.09 22.06
N MET D 19 7.74 -2.53 22.58
CA MET D 19 6.48 -2.44 21.85
C MET D 19 5.37 -1.78 22.65
N ASN D 20 4.87 -0.64 22.17
CA ASN D 20 3.75 0.03 22.81
C ASN D 20 2.43 -0.53 22.31
N CYS D 21 1.61 -1.03 23.22
CA CYS D 21 0.24 -1.44 22.89
C CYS D 21 -0.78 -0.55 23.60
N THR D 22 -1.44 0.31 22.83
CA THR D 22 -2.37 1.27 23.40
C THR D 22 -3.80 1.06 22.91
N TRP D 23 -4.71 1.89 23.43
CA TRP D 23 -6.10 1.90 23.00
C TRP D 23 -6.70 3.23 23.38
N GLN D 24 -7.87 3.57 22.84
CA GLN D 24 -8.47 4.85 23.19
C GLN D 24 -9.36 4.62 24.41
N SER D 25 -8.89 5.11 25.54
CA SER D 25 -9.63 5.01 26.80
C SER D 25 -10.63 6.14 26.90
N SER D 26 -10.33 7.25 26.23
CA SER D 26 -11.12 8.47 26.34
C SER D 26 -12.58 8.26 25.97
N SER D 27 -12.84 7.39 25.00
CA SER D 27 -14.22 7.10 24.62
C SER D 27 -14.69 5.88 25.40
N GLU D 28 -15.58 6.14 26.36
CA GLU D 28 -16.10 5.14 27.27
C GLU D 28 -16.94 5.83 28.34
N PRO D 29 -17.89 5.10 28.95
CA PRO D 29 -18.75 5.66 29.99
C PRO D 29 -18.01 5.99 31.28
N GLN D 30 -17.00 5.20 31.60
CA GLN D 30 -16.29 5.35 32.87
C GLN D 30 -14.78 5.33 32.67
N ASN D 33 -9.13 1.06 34.95
CA ASN D 33 -8.14 0.00 34.89
C ASN D 33 -8.64 -1.23 34.14
N LEU D 34 -8.17 -1.41 32.90
CA LEU D 34 -8.53 -2.59 32.11
C LEU D 34 -7.36 -3.56 32.03
N THR D 35 -7.68 -4.84 31.99
CA THR D 35 -6.65 -5.88 32.00
C THR D 35 -6.26 -6.34 30.60
N LEU D 36 -4.98 -6.62 30.41
CA LEU D 36 -4.45 -7.06 29.12
C LEU D 36 -3.57 -8.30 29.26
N HIS D 37 -3.83 -9.29 28.41
CA HIS D 37 -3.01 -10.49 28.37
C HIS D 37 -2.63 -10.79 26.92
N TYR D 38 -1.52 -11.48 26.74
CA TYR D 38 -1.08 -11.80 25.39
C TYR D 38 -0.43 -13.18 25.33
N TRP D 39 -0.39 -13.77 24.15
CA TRP D 39 0.27 -15.04 23.94
C TRP D 39 0.64 -15.20 22.47
N TYR D 40 1.58 -16.09 22.20
CA TYR D 40 2.02 -16.33 20.84
C TYR D 40 1.47 -17.65 20.29
N LYS D 41 0.60 -17.54 19.29
CA LYS D 41 -0.01 -18.69 18.66
C LYS D 41 1.07 -19.57 18.03
N ASN D 42 0.93 -20.88 18.21
CA ASN D 42 1.87 -21.84 17.63
C ASN D 42 3.30 -21.66 18.15
N SER D 43 3.44 -21.57 19.47
CA SER D 43 4.77 -21.45 20.08
C SER D 43 4.94 -22.37 21.29
N ASP D 44 6.08 -22.24 21.96
CA ASP D 44 6.39 -23.03 23.13
C ASP D 44 6.03 -22.28 24.42
N VAL D 48 -0.22 -17.96 27.89
CA VAL D 48 -0.78 -16.65 28.19
C VAL D 48 -0.06 -16.00 29.38
N GLN D 49 0.24 -14.72 29.25
CA GLN D 49 0.90 -13.98 30.32
C GLN D 49 0.27 -12.61 30.54
N LYS D 50 0.62 -11.98 31.67
CA LYS D 50 0.06 -10.69 32.03
C LYS D 50 1.04 -9.58 31.70
N CYS D 51 0.52 -8.42 31.29
CA CYS D 51 1.36 -7.27 31.00
C CYS D 51 2.14 -6.84 32.24
N SER D 52 3.47 -6.79 32.12
CA SER D 52 4.33 -6.44 33.25
C SER D 52 4.53 -4.93 33.38
N HIS D 53 4.24 -4.20 32.32
CA HIS D 53 4.41 -2.75 32.32
C HIS D 53 3.13 -2.08 31.84
N TYR D 54 2.44 -1.39 32.73
CA TYR D 54 1.17 -0.76 32.37
C TYR D 54 1.30 0.74 32.18
N LEU D 55 0.80 1.21 31.05
CA LEU D 55 0.79 2.63 30.73
C LEU D 55 -0.53 3.24 31.21
N PHE D 56 -0.46 4.35 31.93
CA PHE D 56 -1.66 4.95 32.51
C PHE D 56 -1.98 6.33 31.94
N SER D 57 -3.16 6.46 31.33
CA SER D 57 -3.67 7.75 30.92
C SER D 57 -4.75 8.20 31.90
N GLU D 58 -4.42 9.22 32.70
CA GLU D 58 -5.33 9.69 33.74
C GLU D 58 -5.62 8.61 34.79
N GLU D 59 -4.57 7.93 35.23
CA GLU D 59 -4.66 6.92 36.28
C GLU D 59 -5.61 5.78 35.93
N ILE D 60 -5.83 5.58 34.63
CA ILE D 60 -6.55 4.42 34.13
C ILE D 60 -5.74 3.90 32.95
N THR D 61 -5.72 2.59 32.75
CA THR D 61 -4.79 2.01 31.80
C THR D 61 -4.93 2.63 30.41
N SER D 62 -3.84 3.21 29.92
CA SER D 62 -3.74 3.70 28.56
C SER D 62 -3.39 2.55 27.63
N GLY D 63 -2.47 1.70 28.10
CA GLY D 63 -1.97 0.58 27.32
C GLY D 63 -0.90 -0.23 28.04
N CYS D 64 -0.13 -0.98 27.26
CA CYS D 64 0.92 -1.84 27.81
C CYS D 64 2.20 -1.79 26.97
N GLN D 65 3.33 -2.09 27.60
CA GLN D 65 4.62 -2.07 26.91
C GLN D 65 5.36 -3.41 27.06
N LEU D 66 5.81 -3.96 25.93
CA LEU D 66 6.53 -5.23 25.94
C LEU D 66 8.01 -5.01 25.62
N GLN D 67 8.87 -5.49 26.51
CA GLN D 67 10.32 -5.38 26.32
C GLN D 67 10.82 -6.36 25.26
N LYS D 68 12.01 -6.08 24.73
CA LYS D 68 12.57 -6.83 23.59
C LYS D 68 12.53 -8.34 23.77
N LYS D 69 12.81 -8.81 24.97
CA LYS D 69 12.84 -10.24 25.26
C LYS D 69 11.50 -10.90 25.00
N GLU D 70 10.43 -10.12 25.13
CA GLU D 70 9.07 -10.64 24.98
C GLU D 70 8.55 -10.53 23.55
N ILE D 71 9.31 -9.84 22.69
CA ILE D 71 8.87 -9.57 21.33
C ILE D 71 9.38 -10.61 20.33
N HIS D 72 8.46 -11.30 19.66
CA HIS D 72 8.84 -12.23 18.60
C HIS D 72 8.09 -11.95 17.30
N LEU D 73 8.80 -11.45 16.30
CA LEU D 73 8.26 -11.31 14.96
C LEU D 73 8.24 -12.66 14.27
N TYR D 74 7.44 -12.76 13.21
CA TYR D 74 7.34 -14.01 12.45
C TYR D 74 6.78 -15.10 13.35
N GLN D 75 6.08 -14.67 14.39
CA GLN D 75 5.37 -15.56 15.28
C GLN D 75 4.02 -14.90 15.55
N THR D 76 2.94 -15.62 15.27
CA THR D 76 1.60 -15.04 15.40
C THR D 76 1.41 -14.48 16.80
N PHE D 77 1.00 -13.22 16.87
CA PHE D 77 0.85 -12.54 18.15
C PHE D 77 -0.62 -12.32 18.46
N VAL D 78 -1.03 -12.66 19.68
CA VAL D 78 -2.43 -12.56 20.07
C VAL D 78 -2.60 -11.83 21.39
N VAL D 79 -3.53 -10.87 21.41
CA VAL D 79 -3.77 -10.08 22.60
C VAL D 79 -5.23 -10.18 23.06
N GLN D 80 -5.44 -10.15 24.37
CA GLN D 80 -6.79 -10.18 24.92
C GLN D 80 -7.04 -9.05 25.91
N LEU D 81 -7.91 -8.13 25.52
CA LEU D 81 -8.38 -7.08 26.43
C LEU D 81 -9.58 -7.61 27.22
N GLN D 82 -9.72 -7.17 28.47
CA GLN D 82 -10.83 -7.65 29.30
C GLN D 82 -11.28 -6.62 30.34
N ASP D 83 -12.51 -6.78 30.82
CA ASP D 83 -13.09 -5.88 31.80
C ASP D 83 -13.20 -6.57 33.16
N PRO D 84 -12.57 -5.98 34.20
CA PRO D 84 -12.55 -6.55 35.54
C PRO D 84 -13.95 -6.78 36.14
N ARG D 85 -14.83 -5.81 36.00
CA ARG D 85 -16.18 -5.92 36.55
C ARG D 85 -17.05 -6.88 35.73
N GLU D 86 -16.92 -6.82 34.42
CA GLU D 86 -17.66 -7.70 33.52
C GLU D 86 -16.70 -8.55 32.71
N PRO D 87 -16.17 -9.63 33.33
CA PRO D 87 -15.17 -10.51 32.72
C PRO D 87 -15.63 -11.08 31.39
N ARG D 88 -16.91 -11.41 31.27
CA ARG D 88 -17.45 -11.96 30.04
C ARG D 88 -17.37 -10.94 28.91
N ARG D 89 -17.05 -9.70 29.27
CA ARG D 89 -16.79 -8.67 28.29
C ARG D 89 -15.28 -8.63 28.02
N GLN D 90 -14.89 -9.12 26.85
CA GLN D 90 -13.48 -9.21 26.49
C GLN D 90 -13.31 -9.32 24.98
N ALA D 91 -12.10 -9.02 24.50
CA ALA D 91 -11.82 -9.08 23.07
C ALA D 91 -10.43 -9.65 22.78
N THR D 92 -10.31 -10.34 21.64
CA THR D 92 -9.04 -10.93 21.22
C THR D 92 -8.64 -10.42 19.84
N GLN D 93 -7.34 -10.27 19.61
CA GLN D 93 -6.85 -9.72 18.35
C GLN D 93 -5.55 -10.40 17.92
N MET D 94 -5.44 -10.69 16.63
CA MET D 94 -4.24 -11.33 16.08
C MET D 94 -3.47 -10.38 15.17
N LEU D 95 -2.16 -10.32 15.36
CA LEU D 95 -1.33 -9.35 14.67
C LEU D 95 -0.09 -9.97 14.05
N LYS D 96 0.30 -9.45 12.87
CA LYS D 96 1.59 -9.79 12.29
C LYS D 96 2.54 -8.68 12.73
N LEU D 97 3.50 -9.02 13.59
CA LEU D 97 4.37 -8.01 14.18
C LEU D 97 5.45 -7.52 13.22
N GLN D 98 5.73 -8.31 12.19
CA GLN D 98 6.72 -7.91 11.19
C GLN D 98 6.14 -6.82 10.30
N ASN D 99 4.81 -6.69 10.33
CA ASN D 99 4.14 -5.61 9.63
C ASN D 99 3.91 -4.40 10.53
N LEU D 100 4.19 -4.57 11.82
CA LEU D 100 3.95 -3.51 12.81
C LEU D 100 5.17 -2.67 13.19
N VAL D 101 6.30 -2.91 12.54
CA VAL D 101 7.55 -2.23 12.92
C VAL D 101 7.66 -0.79 12.43
N ILE D 102 8.05 0.09 13.36
CA ILE D 102 8.27 1.51 13.08
C ILE D 102 9.65 1.95 13.61
N PRO D 103 10.67 1.93 12.75
CA PRO D 103 12.05 2.22 13.14
C PRO D 103 12.24 3.65 13.65
N TRP D 104 13.32 3.88 14.40
CA TRP D 104 13.68 5.24 14.81
C TRP D 104 14.08 6.03 13.58
N ALA D 105 13.98 7.35 13.66
CA ALA D 105 14.46 8.22 12.60
C ALA D 105 15.96 8.06 12.43
N PRO D 106 16.45 8.04 11.19
CA PRO D 106 17.88 7.89 10.89
C PRO D 106 18.74 8.89 11.65
N GLU D 107 19.92 8.46 12.08
CA GLU D 107 20.81 9.31 12.85
C GLU D 107 22.20 9.37 12.23
N ASN D 108 23.10 10.14 12.84
CA ASN D 108 24.47 10.27 12.36
C ASN D 108 24.57 10.57 10.87
N LEU D 109 23.86 11.62 10.43
CA LEU D 109 23.92 12.05 9.04
C LEU D 109 25.29 12.64 8.70
N THR D 110 25.86 12.20 7.57
CA THR D 110 27.19 12.64 7.17
C THR D 110 27.27 12.94 5.68
N LEU D 111 28.13 13.90 5.33
CA LEU D 111 28.31 14.31 3.94
C LEU D 111 29.78 14.60 3.65
N HIS D 112 30.28 14.07 2.53
CA HIS D 112 31.61 14.45 2.04
C HIS D 112 31.71 14.43 0.51
N LYS D 113 32.39 15.42 -0.04
CA LYS D 113 32.53 15.55 -1.50
C LYS D 113 33.53 14.54 -2.06
N LEU D 114 33.43 14.28 -3.36
CA LEU D 114 34.31 13.34 -4.03
C LEU D 114 34.75 13.86 -5.39
N GLN D 118 29.90 15.44 -6.70
CA GLN D 118 29.95 14.04 -6.30
C GLN D 118 29.73 13.91 -4.79
N LEU D 119 28.59 14.40 -4.32
CA LEU D 119 28.29 14.38 -2.89
C LEU D 119 27.66 13.07 -2.45
N GLU D 120 28.04 12.60 -1.27
CA GLU D 120 27.52 11.34 -0.73
C GLU D 120 26.93 11.52 0.68
N LEU D 121 25.68 11.10 0.83
CA LEU D 121 24.97 11.22 2.10
C LEU D 121 24.90 9.87 2.81
N ASN D 122 25.04 9.89 4.13
CA ASN D 122 24.98 8.66 4.92
C ASN D 122 24.25 8.81 6.26
N TRP D 123 23.48 7.79 6.61
CA TRP D 123 22.76 7.73 7.87
C TRP D 123 22.85 6.31 8.40
N ASN D 124 22.47 6.10 9.66
CA ASN D 124 22.59 4.78 10.26
C ASN D 124 21.45 4.42 11.23
N ASN D 125 21.32 3.12 11.48
CA ASN D 125 20.34 2.61 12.42
C ASN D 125 21.00 1.50 13.23
N ARG D 126 20.39 1.07 14.33
CA ARG D 126 21.00 -0.02 15.10
C ARG D 126 20.44 -1.37 14.69
N PHE D 127 21.27 -2.12 13.96
CA PHE D 127 21.01 -3.49 13.52
C PHE D 127 19.68 -3.65 12.76
N LEU D 128 19.11 -2.54 12.30
CA LEU D 128 17.95 -2.60 11.42
C LEU D 128 18.29 -2.35 9.96
N ASN D 129 19.55 -2.09 9.68
CA ASN D 129 19.99 -1.64 8.37
C ASN D 129 19.57 -2.51 7.18
N HIS D 130 19.56 -3.82 7.36
CA HIS D 130 19.24 -4.73 6.25
C HIS D 130 17.74 -4.90 6.02
N CYS D 131 16.95 -4.60 7.04
CA CYS D 131 15.48 -4.65 6.92
C CYS D 131 14.88 -3.40 6.28
N LEU D 132 15.54 -2.26 6.50
CA LEU D 132 14.96 -0.95 6.20
C LEU D 132 14.99 -0.51 4.73
N GLU D 133 14.04 0.36 4.40
CA GLU D 133 13.88 0.93 3.08
C GLU D 133 13.75 2.44 3.26
N HIS D 134 14.50 3.21 2.47
CA HIS D 134 14.65 4.64 2.76
C HIS D 134 14.09 5.58 1.69
N LEU D 135 13.72 6.78 2.11
CA LEU D 135 13.31 7.83 1.19
C LEU D 135 13.99 9.16 1.58
N VAL D 136 14.82 9.68 0.68
CA VAL D 136 15.60 10.88 0.97
C VAL D 136 15.00 12.13 0.34
N GLN D 137 15.02 13.23 1.10
CA GLN D 137 14.53 14.51 0.60
C GLN D 137 15.65 15.55 0.60
N TYR D 138 15.69 16.39 -0.44
CA TYR D 138 16.70 17.44 -0.54
C TYR D 138 16.22 18.64 -1.36
N ARG D 139 16.71 19.82 -0.99
CA ARG D 139 16.39 21.05 -1.70
C ARG D 139 17.47 22.11 -1.48
N THR D 140 17.55 23.07 -2.38
CA THR D 140 18.44 24.21 -2.21
C THR D 140 17.64 25.48 -1.88
N ASP D 141 18.34 26.59 -1.71
CA ASP D 141 17.69 27.87 -1.48
C ASP D 141 16.92 28.29 -2.74
N TRP D 142 17.23 27.66 -3.86
CA TRP D 142 16.64 28.03 -5.13
C TRP D 142 15.43 27.16 -5.45
N ASP D 143 15.11 26.25 -4.54
CA ASP D 143 14.04 25.29 -4.76
C ASP D 143 12.79 25.57 -3.95
N HIS D 144 11.64 25.58 -4.61
CA HIS D 144 10.36 25.63 -3.91
C HIS D 144 10.05 24.28 -3.25
N SER D 145 10.12 23.22 -4.04
CA SER D 145 9.67 21.91 -3.60
C SER D 145 10.74 20.94 -3.09
N TRP D 146 10.36 20.11 -2.13
CA TRP D 146 11.22 19.01 -1.69
C TRP D 146 11.40 18.03 -2.83
N THR D 147 12.64 17.67 -3.10
CA THR D 147 12.92 16.63 -4.08
C THR D 147 13.24 15.35 -3.33
N GLU D 148 12.34 14.38 -3.41
CA GLU D 148 12.53 13.12 -2.69
C GLU D 148 12.96 11.99 -3.60
N GLN D 149 13.91 11.21 -3.13
CA GLN D 149 14.49 10.12 -3.90
C GLN D 149 14.53 8.84 -3.06
N SER D 150 13.80 7.83 -3.51
CA SER D 150 13.77 6.54 -2.83
C SER D 150 15.14 5.86 -2.85
N VAL D 151 15.44 5.09 -1.81
CA VAL D 151 16.74 4.45 -1.69
C VAL D 151 16.62 2.99 -1.25
N ASP D 152 17.57 2.17 -1.69
CA ASP D 152 17.62 0.76 -1.32
C ASP D 152 18.06 0.66 0.14
N TYR D 153 18.16 -0.56 0.66
CA TYR D 153 18.59 -0.75 2.05
C TYR D 153 20.09 -0.46 2.20
N ARG D 154 20.74 -0.17 1.07
CA ARG D 154 22.14 0.19 1.04
C ARG D 154 22.40 1.51 1.78
N HIS D 155 21.38 2.38 1.79
CA HIS D 155 21.43 3.68 2.44
C HIS D 155 22.62 4.57 2.05
N LYS D 156 22.82 4.75 0.75
CA LYS D 156 23.83 5.68 0.25
C LYS D 156 23.30 6.49 -0.92
N PHE D 157 23.37 7.82 -0.79
CA PHE D 157 22.86 8.72 -1.83
C PHE D 157 23.99 9.51 -2.47
N SER D 158 23.86 9.81 -3.76
CA SER D 158 24.88 10.57 -4.47
C SER D 158 24.27 11.63 -5.38
N LEU D 159 25.05 12.65 -5.70
CA LEU D 159 24.61 13.73 -6.57
C LEU D 159 25.66 14.06 -7.63
N ASP D 163 27.03 22.65 -6.22
CA ASP D 163 27.16 24.09 -6.14
C ASP D 163 27.35 24.57 -4.71
N GLY D 164 28.37 25.40 -4.49
CA GLY D 164 28.59 26.00 -3.20
C GLY D 164 27.76 27.27 -3.09
N GLN D 165 27.35 27.78 -4.24
CA GLN D 165 26.51 28.98 -4.31
C GLN D 165 25.10 28.68 -3.82
N LYS D 166 24.67 27.43 -3.98
CA LYS D 166 23.37 27.00 -3.50
C LYS D 166 23.52 26.32 -2.14
N ARG D 167 22.59 26.58 -1.23
CA ARG D 167 22.66 25.98 0.10
C ARG D 167 21.77 24.73 0.18
N TYR D 168 22.40 23.59 0.39
CA TYR D 168 21.72 22.30 0.38
C TYR D 168 21.16 21.88 1.73
N THR D 169 20.00 21.24 1.70
CA THR D 169 19.37 20.71 2.90
C THR D 169 18.87 19.28 2.65
N PHE D 170 19.37 18.33 3.42
CA PHE D 170 18.97 16.93 3.28
C PHE D 170 18.25 16.41 4.52
N ARG D 171 17.33 15.48 4.30
CA ARG D 171 16.70 14.75 5.38
C ARG D 171 16.18 13.42 4.85
N VAL D 172 16.01 12.44 5.73
CA VAL D 172 15.61 11.11 5.30
C VAL D 172 14.82 10.36 6.37
N ARG D 173 13.97 9.45 5.94
CA ARG D 173 13.30 8.52 6.85
C ARG D 173 13.31 7.12 6.26
N SER D 174 13.00 6.13 7.09
CA SER D 174 13.11 4.73 6.70
C SER D 174 11.85 3.95 7.04
N ARG D 175 11.72 2.75 6.49
CA ARG D 175 10.58 1.89 6.76
C ARG D 175 10.98 0.42 6.84
N PHE D 176 10.20 -0.39 7.55
CA PHE D 176 10.51 -1.79 7.69
C PHE D 176 9.79 -2.49 6.54
N ASN D 177 10.55 -2.88 5.52
CA ASN D 177 9.96 -3.30 4.25
C ASN D 177 11.03 -3.57 3.19
N PRO D 178 10.70 -4.41 2.20
CA PRO D 178 9.69 -5.47 2.22
C PRO D 178 10.29 -6.69 2.91
N LEU D 179 11.62 -6.73 2.91
CA LEU D 179 12.38 -7.96 3.16
C LEU D 179 12.12 -8.60 4.52
N CYS D 180 12.33 -7.85 5.60
CA CYS D 180 12.10 -8.39 6.92
C CYS D 180 10.61 -8.34 7.28
N GLY D 181 9.87 -7.46 6.61
CA GLY D 181 8.45 -7.32 6.88
C GLY D 181 7.72 -6.40 5.93
N SER D 182 6.39 -6.42 6.02
CA SER D 182 5.51 -5.66 5.13
C SER D 182 5.07 -4.30 5.68
N ALA D 183 5.66 -3.89 6.80
CA ALA D 183 5.16 -2.73 7.57
C ALA D 183 4.89 -1.51 6.70
N GLN D 184 3.75 -0.86 6.97
CA GLN D 184 3.26 0.27 6.18
C GLN D 184 3.90 1.61 6.54
N HIS D 185 4.07 1.87 7.84
CA HIS D 185 4.39 3.21 8.33
C HIS D 185 5.87 3.61 8.26
N TRP D 186 6.10 4.89 8.04
CA TRP D 186 7.45 5.45 7.93
C TRP D 186 7.92 6.06 9.24
N SER D 187 9.22 5.95 9.50
CA SER D 187 9.83 6.60 10.65
C SER D 187 9.75 8.12 10.48
N GLU D 188 9.88 8.84 11.58
CA GLU D 188 9.87 10.30 11.52
C GLU D 188 11.07 10.82 10.73
N TRP D 189 10.93 12.04 10.20
CA TRP D 189 12.01 12.67 9.44
C TRP D 189 13.25 12.91 10.30
N SER D 190 14.40 12.50 9.78
CA SER D 190 15.66 12.72 10.48
C SER D 190 15.97 14.21 10.56
N HIS D 191 16.67 14.62 11.61
CA HIS D 191 17.08 16.01 11.73
C HIS D 191 17.89 16.43 10.51
N PRO D 192 17.47 17.52 9.86
CA PRO D 192 18.04 17.98 8.59
C PRO D 192 19.55 18.20 8.66
N ILE D 193 20.25 17.81 7.59
CA ILE D 193 21.68 18.08 7.48
C ILE D 193 21.87 19.15 6.40
N HIS D 194 22.86 20.01 6.59
CA HIS D 194 23.02 21.18 5.71
C HIS D 194 24.37 21.27 5.02
N TRP D 195 24.42 22.07 3.96
CA TRP D 195 25.62 22.22 3.14
C TRP D 195 25.59 23.53 2.36
N GLY D 196 26.75 23.98 1.89
CA GLY D 196 26.82 25.12 1.00
C GLY D 196 27.07 26.47 1.63
N SER D 197 26.94 27.53 0.84
CA SER D 197 27.17 28.90 1.26
C SER D 197 28.43 29.03 2.13
#